data_1JNN
#
_entry.id   1JNN
#
_cell.length_a   70.950
_cell.length_b   143.24
_cell.length_c   53.37
_cell.angle_alpha   90.0
_cell.angle_beta   90.0
_cell.angle_gamma   90.0
#
_symmetry.space_group_name_H-M   'P 21 21 2'
#
loop_
_entity.id
_entity.type
_entity.pdbx_description
1 polymer 'MONOCLONAL ANTI-ESTRADIOL 17E12E5 IMMUNOGLOBULIN KAPPA CHAIN'
2 polymer 'MONOCLONAL ANTI-ESTRADIOL 17E12E5 IMMUNOGLOBULIN GAMMA-1 CHAIN'
3 non-polymer ESTRADIOL
#
loop_
_entity_poly.entity_id
_entity_poly.type
_entity_poly.pdbx_seq_one_letter_code
_entity_poly.pdbx_strand_id
1 'polypeptide(L)'
;QIVMTQTPASLSASVGETVTITCRASGNIYNYLAWYQQKQGKSPQLLVYNAKTLVDGVPLRFSGSGSGTQYSLKINSLQP
EDFGNYYCHHFWNTPYTFGGGTKLEIKRADAAPTVSIFPPSSEQLTSGGASVVCFLNNFYPKDINVKWKIDGSERQNGVL
NSWTDQDSKDSTYSMSSTLTLTKDEYERHNSYTCEATHKTSTSPIVKSFNR
;
L
2 'polypeptide(L)'
;EVQLQQSGAELVKPGASVRLSCSASGFNIKDTYMFWVKQRPEQGLDWIGRINPANGISKYDPRFQGKATLTADTSSNTAY
LQLDNLTSEDTAVYYCAIEKDLPWGQGTLVTVSVAKTTPPSVYPLAPGSAAQTNSMVTLGCLVKGYFPEPVTVTWNSGSL
SSGVHTFPAVLQSDLYTLSSSVTVPSSTWPSETVTCNVAHPASSTKVDKKIVPR
;
H
#
# COMPACT_ATOMS: atom_id res chain seq x y z
N GLN A 1 6.98 -31.23 4.52
CA GLN A 1 7.27 -29.81 4.90
C GLN A 1 6.14 -29.38 5.84
N ILE A 2 6.44 -28.54 6.82
CA ILE A 2 5.41 -28.08 7.76
C ILE A 2 4.65 -26.88 7.19
N VAL A 3 3.40 -27.13 6.83
CA VAL A 3 2.53 -26.10 6.27
C VAL A 3 1.82 -25.34 7.39
N MET A 4 1.69 -24.04 7.22
CA MET A 4 1.06 -23.20 8.22
C MET A 4 -0.30 -22.71 7.76
N THR A 5 -1.31 -23.00 8.57
CA THR A 5 -2.66 -22.55 8.27
C THR A 5 -3.06 -21.61 9.40
N GLN A 6 -3.23 -20.35 9.04
CA GLN A 6 -3.58 -19.31 10.01
C GLN A 6 -5.07 -18.94 9.87
N THR A 7 -5.67 -18.50 10.97
CA THR A 7 -7.07 -18.12 10.96
C THR A 7 -7.29 -17.10 12.10
N PRO A 8 -8.26 -16.17 11.95
CA PRO A 8 -9.18 -15.93 10.83
C PRO A 8 -8.59 -15.20 9.63
N ALA A 9 -9.16 -15.46 8.45
CA ALA A 9 -8.71 -14.83 7.22
C ALA A 9 -8.84 -13.30 7.29
N SER A 10 -10.01 -12.84 7.76
CA SER A 10 -10.31 -11.42 7.92
C SER A 10 -10.92 -11.21 9.31
N LEU A 11 -10.70 -10.05 9.89
CA LEU A 11 -11.20 -9.76 11.22
C LEU A 11 -11.52 -8.29 11.42
N SER A 12 -12.34 -8.03 12.44
CA SER A 12 -12.78 -6.68 12.81
C SER A 12 -13.10 -6.69 14.29
N ALA A 13 -12.63 -5.67 15.00
CA ALA A 13 -12.87 -5.53 16.42
C ALA A 13 -12.64 -4.08 16.75
N SER A 14 -13.27 -3.63 17.83
CA SER A 14 -13.16 -2.24 18.23
C SER A 14 -12.03 -1.97 19.19
N VAL A 15 -11.73 -0.68 19.32
CA VAL A 15 -10.69 -0.19 20.20
C VAL A 15 -10.96 -0.80 21.57
N GLY A 16 -9.89 -1.10 22.30
CA GLY A 16 -10.04 -1.70 23.62
C GLY A 16 -10.38 -3.18 23.66
N GLU A 17 -10.61 -3.80 22.51
CA GLU A 17 -10.94 -5.23 22.48
C GLU A 17 -9.79 -6.21 22.38
N THR A 18 -9.76 -7.16 23.32
CA THR A 18 -8.76 -8.20 23.35
C THR A 18 -9.08 -9.13 22.18
N VAL A 19 -8.07 -9.50 21.39
CA VAL A 19 -8.29 -10.39 20.25
C VAL A 19 -7.30 -11.56 20.26
N THR A 20 -7.57 -12.55 19.44
CA THR A 20 -6.69 -13.71 19.35
C THR A 20 -6.61 -14.22 17.93
N ILE A 21 -5.42 -14.09 17.35
CA ILE A 21 -5.16 -14.53 15.99
C ILE A 21 -4.45 -15.87 16.17
N THR A 22 -4.81 -16.87 15.36
CA THR A 22 -4.20 -18.18 15.51
C THR A 22 -3.54 -18.73 14.25
N CYS A 23 -2.46 -19.49 14.47
CA CYS A 23 -1.71 -20.14 13.41
C CYS A 23 -1.56 -21.57 13.87
N ARG A 24 -1.97 -22.51 13.01
CA ARG A 24 -1.88 -23.93 13.32
C ARG A 24 -1.00 -24.63 12.30
N ALA A 25 0.07 -25.26 12.79
CA ALA A 25 1.03 -25.98 11.97
C ALA A 25 0.63 -27.42 11.73
N SER A 26 0.88 -27.89 10.52
CA SER A 26 0.57 -29.27 10.14
C SER A 26 1.39 -30.23 10.99
N GLY A 27 2.66 -29.90 11.20
CA GLY A 27 3.55 -30.73 11.99
C GLY A 27 4.12 -29.94 13.16
N ASN A 28 4.43 -30.63 14.25
CA ASN A 28 4.98 -30.02 15.45
C ASN A 28 6.21 -29.15 15.13
N ILE A 29 6.10 -27.85 15.36
CA ILE A 29 7.21 -26.94 15.09
C ILE A 29 8.06 -26.58 16.30
N TYR A 30 7.84 -27.31 17.40
CA TYR A 30 8.58 -27.14 18.65
C TYR A 30 8.87 -25.71 19.07
N ASN A 31 7.84 -24.87 19.03
CA ASN A 31 7.93 -23.46 19.42
C ASN A 31 8.72 -22.56 18.47
N TYR A 32 9.11 -23.10 17.32
CA TYR A 32 9.86 -22.32 16.35
C TYR A 32 8.90 -21.57 15.44
N LEU A 33 8.36 -20.47 15.97
CA LEU A 33 7.40 -19.62 15.24
C LEU A 33 7.61 -18.16 15.56
N ALA A 34 7.17 -17.30 14.65
CA ALA A 34 7.29 -15.86 14.84
C ALA A 34 6.12 -15.12 14.20
N TRP A 35 5.60 -14.11 14.89
CA TRP A 35 4.47 -13.33 14.38
C TRP A 35 4.93 -11.97 13.84
N TYR A 36 4.42 -11.61 12.67
CA TYR A 36 4.76 -10.34 12.03
C TYR A 36 3.51 -9.49 11.78
N GLN A 37 3.66 -8.18 11.89
CA GLN A 37 2.58 -7.26 11.61
C GLN A 37 3.01 -6.46 10.40
N GLN A 38 2.25 -6.52 9.31
CA GLN A 38 2.62 -5.73 8.14
C GLN A 38 1.60 -4.67 7.82
N LYS A 39 1.90 -3.44 8.19
CA LYS A 39 1.00 -2.34 7.90
C LYS A 39 1.23 -2.03 6.43
N GLN A 40 0.17 -1.63 5.74
CA GLN A 40 0.24 -1.33 4.32
C GLN A 40 1.43 -0.54 3.80
N GLY A 41 2.02 -1.09 2.74
CA GLY A 41 3.16 -0.47 2.07
C GLY A 41 4.47 -0.55 2.82
N LYS A 42 4.40 -0.93 4.09
CA LYS A 42 5.57 -1.05 4.94
C LYS A 42 6.10 -2.49 4.97
N SER A 43 7.26 -2.66 5.60
CA SER A 43 7.93 -3.95 5.73
C SER A 43 7.47 -4.65 6.99
N PRO A 44 7.40 -6.00 6.96
CA PRO A 44 6.98 -6.78 8.12
C PRO A 44 7.72 -6.34 9.36
N GLN A 45 7.03 -6.37 10.49
CA GLN A 45 7.60 -5.96 11.75
C GLN A 45 7.58 -7.17 12.67
N LEU A 46 8.73 -7.54 13.20
CA LEU A 46 8.76 -8.70 14.09
C LEU A 46 8.17 -8.32 15.43
N LEU A 47 7.19 -9.10 15.86
CA LEU A 47 6.56 -8.83 17.14
C LEU A 47 7.04 -9.87 18.12
N VAL A 48 6.79 -11.13 17.79
CA VAL A 48 7.17 -12.22 18.66
C VAL A 48 7.90 -13.32 17.90
N TYR A 49 8.95 -13.84 18.54
CA TYR A 49 9.74 -14.94 17.99
C TYR A 49 9.91 -15.97 19.11
N ASN A 50 10.44 -17.14 18.76
CA ASN A 50 10.65 -18.21 19.75
C ASN A 50 9.37 -18.41 20.57
N ALA A 51 8.25 -18.41 19.86
CA ALA A 51 6.93 -18.60 20.44
C ALA A 51 6.37 -17.45 21.27
N LYS A 52 6.92 -17.23 22.45
CA LYS A 52 6.41 -16.18 23.33
C LYS A 52 7.23 -14.90 23.39
N THR A 53 8.52 -14.99 23.14
CA THR A 53 9.42 -13.84 23.19
C THR A 53 9.01 -12.65 22.33
N LEU A 54 8.83 -11.51 22.98
CA LEU A 54 8.44 -10.28 22.31
C LEU A 54 9.69 -9.45 22.03
N VAL A 55 9.71 -8.75 20.90
CA VAL A 55 10.85 -7.90 20.54
C VAL A 55 10.88 -6.65 21.41
N ASP A 56 12.06 -6.07 21.57
CA ASP A 56 12.18 -4.84 22.36
C ASP A 56 11.40 -3.75 21.63
N GLY A 57 10.75 -2.89 22.39
CA GLY A 57 10.00 -1.79 21.80
C GLY A 57 8.58 -2.15 21.42
N VAL A 58 8.25 -3.44 21.42
CA VAL A 58 6.90 -3.86 21.08
C VAL A 58 6.04 -3.72 22.33
N PRO A 59 4.95 -2.94 22.24
CA PRO A 59 4.01 -2.67 23.35
C PRO A 59 3.44 -3.92 24.04
N LEU A 60 3.56 -3.91 25.36
CA LEU A 60 3.13 -5.00 26.24
C LEU A 60 1.74 -5.57 25.95
N ARG A 61 0.95 -4.88 25.15
CA ARG A 61 -0.38 -5.37 24.83
C ARG A 61 -0.33 -6.61 23.93
N PHE A 62 0.69 -6.70 23.08
CA PHE A 62 0.84 -7.85 22.18
C PHE A 62 1.42 -9.04 22.92
N SER A 63 0.60 -10.08 23.06
CA SER A 63 1.01 -11.30 23.75
C SER A 63 1.09 -12.46 22.75
N GLY A 64 2.07 -13.34 22.95
CA GLY A 64 2.23 -14.47 22.07
C GLY A 64 2.08 -15.75 22.88
N SER A 65 1.50 -16.78 22.28
CA SER A 65 1.32 -18.05 22.96
C SER A 65 1.22 -19.17 21.94
N GLY A 66 1.17 -20.41 22.43
CA GLY A 66 1.06 -21.56 21.56
C GLY A 66 1.82 -22.75 22.10
N SER A 67 1.64 -23.90 21.47
CA SER A 67 2.31 -25.13 21.87
C SER A 67 2.01 -26.24 20.86
N GLY A 68 3.05 -27.01 20.53
CA GLY A 68 2.90 -28.11 19.59
C GLY A 68 2.64 -27.65 18.16
N THR A 69 1.38 -27.61 17.79
CA THR A 69 0.97 -27.20 16.45
C THR A 69 0.09 -25.95 16.47
N GLN A 70 -0.53 -25.68 17.61
CA GLN A 70 -1.41 -24.53 17.76
C GLN A 70 -0.70 -23.38 18.45
N TYR A 71 -0.63 -22.25 17.76
CA TYR A 71 0.01 -21.07 18.31
C TYR A 71 -0.93 -19.89 18.14
N SER A 72 -1.00 -19.06 19.18
CA SER A 72 -1.91 -17.91 19.17
C SER A 72 -1.33 -16.57 19.62
N LEU A 73 -1.69 -15.51 18.90
CA LEU A 73 -1.27 -14.16 19.21
C LEU A 73 -2.49 -13.49 19.84
N LYS A 74 -2.30 -12.84 20.98
CA LYS A 74 -3.39 -12.18 21.68
C LYS A 74 -3.08 -10.70 21.90
N ILE A 75 -3.79 -9.85 21.16
CA ILE A 75 -3.61 -8.41 21.28
C ILE A 75 -4.65 -7.93 22.28
N ASN A 76 -4.24 -7.73 23.52
CA ASN A 76 -5.16 -7.27 24.57
C ASN A 76 -5.32 -5.78 24.43
N SER A 77 -6.50 -5.26 24.78
CA SER A 77 -6.77 -3.81 24.72
C SER A 77 -6.35 -3.21 23.38
N LEU A 78 -6.98 -3.69 22.31
CA LEU A 78 -6.71 -3.24 20.95
C LEU A 78 -6.60 -1.71 20.85
N GLN A 79 -5.68 -1.23 20.03
CA GLN A 79 -5.48 0.20 19.85
C GLN A 79 -5.57 0.48 18.35
N PRO A 80 -6.00 1.70 17.96
CA PRO A 80 -6.15 2.10 16.57
C PRO A 80 -4.99 1.78 15.63
N GLU A 81 -3.77 1.88 16.14
CA GLU A 81 -2.59 1.60 15.33
C GLU A 81 -2.30 0.12 15.14
N ASP A 82 -3.15 -0.74 15.71
CA ASP A 82 -2.94 -2.17 15.60
C ASP A 82 -3.58 -2.78 14.35
N PHE A 83 -4.08 -1.95 13.46
CA PHE A 83 -4.72 -2.46 12.26
C PHE A 83 -3.68 -3.04 11.29
N GLY A 84 -4.13 -3.80 10.30
CA GLY A 84 -3.21 -4.36 9.33
C GLY A 84 -3.23 -5.86 9.15
N ASN A 85 -2.16 -6.40 8.57
CA ASN A 85 -2.05 -7.83 8.33
C ASN A 85 -1.11 -8.44 9.36
N TYR A 86 -1.33 -9.71 9.67
CA TYR A 86 -0.52 -10.43 10.63
C TYR A 86 -0.23 -11.79 10.06
N TYR A 87 1.04 -12.18 10.11
CA TYR A 87 1.49 -13.46 9.59
C TYR A 87 2.27 -14.19 10.66
N CYS A 88 2.38 -15.50 10.49
CA CYS A 88 3.13 -16.35 11.39
C CYS A 88 4.24 -16.95 10.57
N HIS A 89 5.44 -17.06 11.15
CA HIS A 89 6.59 -17.60 10.45
C HIS A 89 7.07 -18.82 11.18
N HIS A 90 7.15 -19.93 10.47
CA HIS A 90 7.64 -21.19 11.03
C HIS A 90 9.09 -21.37 10.61
N PHE A 91 9.94 -21.75 11.56
CA PHE A 91 11.33 -21.99 11.24
C PHE A 91 11.90 -23.14 12.06
N TRP A 92 11.15 -24.24 12.11
CA TRP A 92 11.58 -25.43 12.82
C TRP A 92 12.53 -26.15 11.86
N ASN A 93 12.28 -25.96 10.58
CA ASN A 93 13.09 -26.56 9.53
C ASN A 93 12.72 -25.90 8.21
N THR A 94 13.42 -26.25 7.15
CA THR A 94 13.14 -25.67 5.85
C THR A 94 12.09 -26.45 5.07
N PRO A 95 11.28 -25.74 4.26
CA PRO A 95 11.39 -24.29 4.12
C PRO A 95 10.66 -23.59 5.27
N TYR A 96 11.07 -22.35 5.55
CA TYR A 96 10.46 -21.56 6.62
C TYR A 96 9.17 -20.93 6.09
N THR A 97 8.15 -21.76 5.91
CA THR A 97 6.86 -21.31 5.41
C THR A 97 6.17 -20.24 6.25
N PHE A 98 5.40 -19.39 5.57
CA PHE A 98 4.65 -18.32 6.22
C PHE A 98 3.19 -18.76 6.33
N GLY A 99 2.39 -17.98 7.06
CA GLY A 99 0.97 -18.28 7.21
C GLY A 99 0.19 -17.55 6.13
N GLY A 100 -1.13 -17.71 6.13
CA GLY A 100 -1.97 -17.05 5.15
C GLY A 100 -2.20 -15.57 5.37
N GLY A 101 -1.98 -15.12 6.60
CA GLY A 101 -2.18 -13.72 6.91
C GLY A 101 -3.59 -13.45 7.40
N THR A 102 -3.72 -12.54 8.35
CA THR A 102 -5.00 -12.17 8.93
C THR A 102 -5.24 -10.70 8.66
N LYS A 103 -6.41 -10.36 8.13
CA LYS A 103 -6.73 -8.96 7.88
C LYS A 103 -7.36 -8.38 9.16
N LEU A 104 -7.01 -7.15 9.49
CA LEU A 104 -7.55 -6.52 10.68
C LEU A 104 -8.09 -5.12 10.42
N GLU A 105 -9.40 -4.97 10.64
CA GLU A 105 -10.07 -3.69 10.48
C GLU A 105 -10.37 -3.27 11.91
N ILE A 106 -10.59 -1.99 12.13
CA ILE A 106 -10.88 -1.52 13.46
C ILE A 106 -12.28 -0.95 13.56
N LYS A 107 -13.09 -1.61 14.39
CA LYS A 107 -14.47 -1.22 14.63
C LYS A 107 -14.48 0.17 15.23
N ARG A 108 -15.23 1.05 14.60
CA ARG A 108 -15.35 2.42 14.99
C ARG A 108 -16.80 2.82 14.78
N ALA A 109 -17.24 3.90 15.43
CA ALA A 109 -18.60 4.37 15.25
C ALA A 109 -18.69 4.92 13.82
N ASP A 110 -19.76 4.57 13.13
CA ASP A 110 -19.98 5.01 11.75
C ASP A 110 -19.77 6.53 11.55
N ALA A 111 -19.28 6.91 10.37
CA ALA A 111 -19.06 8.32 10.05
C ALA A 111 -19.47 8.48 8.60
N ALA A 112 -19.97 9.65 8.24
CA ALA A 112 -20.44 9.87 6.88
C ALA A 112 -19.45 10.56 5.97
N PRO A 113 -19.39 10.11 4.72
CA PRO A 113 -18.52 10.60 3.65
C PRO A 113 -18.61 12.07 3.26
N THR A 114 -17.57 12.83 3.60
CA THR A 114 -17.51 14.24 3.25
C THR A 114 -17.21 14.30 1.75
N VAL A 115 -18.27 14.36 0.96
CA VAL A 115 -18.17 14.36 -0.50
C VAL A 115 -17.73 15.69 -1.10
N SER A 116 -16.91 15.62 -2.15
CA SER A 116 -16.42 16.81 -2.85
C SER A 116 -16.33 16.47 -4.34
N ILE A 117 -16.78 17.36 -5.21
CA ILE A 117 -16.69 17.09 -6.64
C ILE A 117 -15.86 18.14 -7.36
N PHE A 118 -14.97 17.69 -8.22
CA PHE A 118 -14.07 18.58 -8.95
C PHE A 118 -14.20 18.33 -10.42
N PRO A 119 -14.60 19.34 -11.18
CA PRO A 119 -14.72 19.10 -12.63
C PRO A 119 -13.29 18.93 -13.16
N PRO A 120 -13.16 18.46 -14.40
CA PRO A 120 -11.87 18.23 -15.04
C PRO A 120 -10.95 19.43 -14.93
N SER A 121 -9.64 19.16 -14.86
CA SER A 121 -8.62 20.21 -14.76
C SER A 121 -8.57 21.06 -16.03
N SER A 122 -8.41 22.36 -15.83
CA SER A 122 -8.36 23.33 -16.91
C SER A 122 -7.45 22.93 -18.07
N GLU A 123 -6.31 22.32 -17.74
CA GLU A 123 -5.34 21.89 -18.73
C GLU A 123 -5.73 20.62 -19.44
N GLN A 124 -5.94 19.56 -18.64
CA GLN A 124 -6.31 18.24 -19.16
C GLN A 124 -7.20 18.33 -20.39
N LEU A 125 -8.19 19.22 -20.33
CA LEU A 125 -9.13 19.44 -21.43
C LEU A 125 -8.54 19.28 -22.83
N THR A 126 -7.41 19.94 -23.08
CA THR A 126 -6.76 19.91 -24.38
C THR A 126 -6.23 18.57 -24.88
N SER A 127 -5.97 17.65 -23.96
CA SER A 127 -5.46 16.32 -24.33
C SER A 127 -6.55 15.52 -25.05
N GLY A 128 -7.80 15.85 -24.77
CA GLY A 128 -8.91 15.16 -25.38
C GLY A 128 -9.68 14.28 -24.42
N GLY A 129 -9.39 14.42 -23.13
CA GLY A 129 -10.06 13.62 -22.12
C GLY A 129 -10.43 14.50 -20.96
N ALA A 130 -11.35 14.03 -20.11
CA ALA A 130 -11.81 14.83 -18.98
C ALA A 130 -12.27 13.95 -17.82
N SER A 131 -11.47 13.91 -16.76
CA SER A 131 -11.79 13.11 -15.60
C SER A 131 -12.47 13.94 -14.52
N VAL A 132 -13.73 13.67 -14.24
CA VAL A 132 -14.47 14.40 -13.20
C VAL A 132 -14.22 13.59 -11.93
N VAL A 133 -13.63 14.22 -10.94
CA VAL A 133 -13.30 13.49 -9.72
C VAL A 133 -14.15 13.86 -8.56
N CYS A 134 -14.44 12.88 -7.72
CA CYS A 134 -15.25 13.10 -6.53
C CYS A 134 -14.53 12.43 -5.39
N PHE A 135 -14.20 13.19 -4.36
CA PHE A 135 -13.50 12.66 -3.20
C PHE A 135 -14.49 12.52 -2.06
N LEU A 136 -14.59 11.32 -1.50
CA LEU A 136 -15.49 11.08 -0.39
C LEU A 136 -14.58 10.72 0.78
N ASN A 137 -14.17 11.73 1.53
CA ASN A 137 -13.25 11.52 2.62
C ASN A 137 -13.86 11.24 3.99
N ASN A 138 -13.09 10.56 4.81
CA ASN A 138 -13.42 10.22 6.19
C ASN A 138 -14.76 9.60 6.56
N PHE A 139 -15.07 8.41 6.03
CA PHE A 139 -16.32 7.75 6.37
C PHE A 139 -16.07 6.36 6.95
N TYR A 140 -17.14 5.64 7.27
CA TYR A 140 -17.05 4.29 7.84
C TYR A 140 -18.47 3.82 8.12
N PRO A 141 -18.77 2.52 7.88
CA PRO A 141 -17.91 1.45 7.37
C PRO A 141 -17.62 1.58 5.88
N LYS A 142 -16.56 0.90 5.45
CA LYS A 142 -16.11 0.91 4.07
C LYS A 142 -17.26 0.66 3.10
N ASP A 143 -18.24 -0.09 3.58
CA ASP A 143 -19.45 -0.41 2.82
C ASP A 143 -20.07 0.90 2.36
N ILE A 144 -20.02 1.17 1.06
CA ILE A 144 -20.56 2.41 0.51
C ILE A 144 -20.57 2.43 -1.01
N ASN A 145 -21.61 3.00 -1.61
CA ASN A 145 -21.67 3.06 -3.06
C ASN A 145 -21.98 4.47 -3.57
N VAL A 146 -21.27 4.88 -4.61
CA VAL A 146 -21.47 6.19 -5.20
C VAL A 146 -21.96 5.91 -6.59
N LYS A 147 -22.68 6.87 -7.16
CA LYS A 147 -23.20 6.70 -8.50
C LYS A 147 -23.03 7.98 -9.29
N TRP A 148 -22.76 7.82 -10.58
CA TRP A 148 -22.53 8.97 -11.44
C TRP A 148 -23.68 9.37 -12.34
N LYS A 149 -24.46 10.36 -11.93
CA LYS A 149 -25.56 10.83 -12.77
C LYS A 149 -24.92 11.83 -13.74
N ILE A 150 -24.85 11.44 -15.01
CA ILE A 150 -24.24 12.28 -16.01
C ILE A 150 -24.89 13.64 -16.22
N ASP A 151 -26.21 13.66 -16.39
CA ASP A 151 -26.93 14.92 -16.62
C ASP A 151 -28.37 14.73 -16.16
N GLY A 152 -28.84 13.51 -16.35
CA GLY A 152 -30.19 13.13 -15.96
C GLY A 152 -30.10 11.63 -15.79
N SER A 153 -29.62 10.96 -16.82
CA SER A 153 -29.46 9.52 -16.80
C SER A 153 -28.25 9.11 -15.93
N GLU A 154 -28.17 7.82 -15.64
CA GLU A 154 -27.11 7.25 -14.80
C GLU A 154 -25.91 6.80 -15.62
N ARG A 155 -24.72 6.92 -15.04
CA ARG A 155 -23.49 6.50 -15.68
C ARG A 155 -22.68 5.62 -14.75
N GLN A 156 -22.01 4.67 -15.37
CA GLN A 156 -21.19 3.67 -14.69
C GLN A 156 -20.14 3.20 -15.68
N ASN A 157 -20.04 3.90 -16.79
CA ASN A 157 -19.10 3.55 -17.83
C ASN A 157 -17.76 4.30 -17.67
N GLY A 158 -16.71 3.57 -17.29
CA GLY A 158 -15.39 4.17 -17.13
C GLY A 158 -15.15 4.89 -15.82
N VAL A 159 -15.27 4.17 -14.70
CA VAL A 159 -15.09 4.76 -13.38
C VAL A 159 -14.07 3.99 -12.53
N LEU A 160 -13.07 4.71 -12.00
CA LEU A 160 -12.05 4.10 -11.13
C LEU A 160 -12.31 4.49 -9.69
N ASN A 161 -12.39 3.49 -8.82
CA ASN A 161 -12.64 3.75 -7.41
C ASN A 161 -11.51 3.13 -6.62
N SER A 162 -10.98 3.88 -5.68
CA SER A 162 -9.90 3.38 -4.86
C SER A 162 -10.13 3.82 -3.43
N TRP A 163 -9.84 2.92 -2.50
CA TRP A 163 -10.01 3.20 -1.09
C TRP A 163 -8.66 3.18 -0.38
N THR A 164 -8.46 4.11 0.55
CA THR A 164 -7.22 4.15 1.31
C THR A 164 -7.37 3.11 2.41
N ASP A 165 -6.34 2.93 3.22
CA ASP A 165 -6.47 1.98 4.31
C ASP A 165 -7.01 2.76 5.50
N GLN A 166 -7.21 2.10 6.63
CA GLN A 166 -7.72 2.77 7.82
C GLN A 166 -6.74 3.78 8.37
N ASP A 167 -7.25 4.98 8.67
CA ASP A 167 -6.42 6.05 9.22
C ASP A 167 -5.80 5.63 10.54
N SER A 168 -4.63 6.20 10.83
CA SER A 168 -3.88 5.90 12.03
C SER A 168 -4.62 6.27 13.32
N LYS A 169 -5.54 7.23 13.23
CA LYS A 169 -6.28 7.66 14.41
C LYS A 169 -7.79 7.50 14.31
N ASP A 170 -8.43 8.12 13.33
CA ASP A 170 -9.89 8.02 13.24
C ASP A 170 -10.41 6.75 12.57
N SER A 171 -9.53 5.81 12.29
CA SER A 171 -9.90 4.54 11.68
C SER A 171 -10.85 4.64 10.48
N THR A 172 -11.00 5.84 9.91
CA THR A 172 -11.89 6.03 8.77
C THR A 172 -11.23 5.73 7.43
N TYR A 173 -12.04 5.60 6.39
CA TYR A 173 -11.54 5.32 5.05
C TYR A 173 -11.65 6.57 4.17
N SER A 174 -11.59 6.37 2.87
CA SER A 174 -11.70 7.46 1.89
C SER A 174 -11.78 6.79 0.53
N MET A 175 -12.46 7.42 -0.42
CA MET A 175 -12.59 6.82 -1.73
C MET A 175 -12.40 7.86 -2.81
N SER A 176 -11.73 7.47 -3.89
CA SER A 176 -11.50 8.36 -5.00
C SER A 176 -12.26 7.79 -6.19
N SER A 177 -13.39 8.39 -6.51
CA SER A 177 -14.20 7.92 -7.62
C SER A 177 -13.90 8.82 -8.80
N THR A 178 -13.45 8.23 -9.89
CA THR A 178 -13.11 9.02 -11.05
C THR A 178 -13.79 8.54 -12.33
N LEU A 179 -14.63 9.40 -12.87
CA LEU A 179 -15.33 9.10 -14.12
C LEU A 179 -14.47 9.74 -15.20
N THR A 180 -13.83 8.91 -16.02
CA THR A 180 -12.96 9.41 -17.07
C THR A 180 -13.68 9.48 -18.41
N LEU A 181 -14.03 10.69 -18.85
CA LEU A 181 -14.70 10.86 -20.12
C LEU A 181 -13.71 11.39 -21.15
N THR A 182 -14.22 11.76 -22.32
CA THR A 182 -13.38 12.32 -23.37
C THR A 182 -13.88 13.75 -23.56
N LYS A 183 -12.98 14.64 -23.97
CA LYS A 183 -13.28 16.05 -24.18
C LYS A 183 -14.72 16.29 -24.64
N ASP A 184 -15.05 15.78 -25.83
CA ASP A 184 -16.38 15.95 -26.38
C ASP A 184 -17.51 15.48 -25.47
N GLU A 185 -17.41 14.25 -24.97
CA GLU A 185 -18.45 13.72 -24.09
C GLU A 185 -18.69 14.69 -22.93
N TYR A 186 -17.61 15.25 -22.38
CA TYR A 186 -17.72 16.19 -21.29
C TYR A 186 -18.32 17.50 -21.77
N GLU A 187 -17.97 17.89 -22.99
CA GLU A 187 -18.46 19.14 -23.56
C GLU A 187 -19.91 19.09 -23.97
N ARG A 188 -20.49 17.90 -24.01
CA ARG A 188 -21.89 17.77 -24.41
C ARG A 188 -22.83 17.44 -23.26
N HIS A 189 -22.45 17.78 -22.04
CA HIS A 189 -23.29 17.51 -20.87
C HIS A 189 -22.97 18.53 -19.78
N ASN A 190 -23.94 18.83 -18.92
CA ASN A 190 -23.77 19.81 -17.85
C ASN A 190 -23.69 19.29 -16.42
N SER A 191 -24.83 19.16 -15.75
CA SER A 191 -24.89 18.72 -14.36
C SER A 191 -24.37 17.31 -14.07
N TYR A 192 -23.05 17.19 -13.97
CA TYR A 192 -22.42 15.92 -13.64
C TYR A 192 -22.69 15.73 -12.15
N THR A 193 -22.94 14.49 -11.72
CA THR A 193 -23.26 14.26 -10.33
C THR A 193 -22.64 13.02 -9.66
N CYS A 194 -22.24 13.22 -8.40
CA CYS A 194 -21.64 12.19 -7.57
C CYS A 194 -22.60 11.95 -6.38
N GLU A 195 -23.42 10.91 -6.48
CA GLU A 195 -24.39 10.60 -5.43
C GLU A 195 -23.89 9.47 -4.55
N ALA A 196 -23.58 9.79 -3.31
CA ALA A 196 -23.06 8.81 -2.37
C ALA A 196 -24.11 8.26 -1.43
N THR A 197 -24.44 6.99 -1.61
CA THR A 197 -25.43 6.33 -0.76
C THR A 197 -24.69 5.54 0.33
N HIS A 198 -24.57 6.11 1.53
CA HIS A 198 -23.89 5.42 2.61
C HIS A 198 -24.80 5.08 3.78
N LYS A 199 -24.45 3.97 4.44
CA LYS A 199 -25.17 3.45 5.60
C LYS A 199 -25.07 4.39 6.81
N THR A 200 -25.66 5.58 6.68
CA THR A 200 -25.65 6.57 7.74
C THR A 200 -26.72 7.61 7.47
N SER A 201 -27.28 7.59 6.27
CA SER A 201 -28.34 8.52 5.88
C SER A 201 -29.14 8.03 4.69
N THR A 202 -30.41 7.73 4.94
CA THR A 202 -31.35 7.28 3.94
C THR A 202 -31.33 8.29 2.79
N SER A 203 -31.20 9.56 3.13
CA SER A 203 -31.11 10.60 2.13
C SER A 203 -29.64 10.58 1.72
N PRO A 204 -29.37 10.25 0.44
CA PRO A 204 -28.01 10.19 -0.10
C PRO A 204 -27.26 11.51 -0.10
N ILE A 205 -25.94 11.43 0.13
CA ILE A 205 -25.09 12.61 0.13
C ILE A 205 -24.90 12.93 -1.34
N VAL A 206 -25.25 14.15 -1.73
CA VAL A 206 -25.15 14.56 -3.12
C VAL A 206 -24.40 15.86 -3.30
N LYS A 207 -23.38 15.80 -4.14
CA LYS A 207 -22.56 16.95 -4.48
C LYS A 207 -22.41 16.89 -5.99
N SER A 208 -22.61 18.02 -6.64
CA SER A 208 -22.50 18.08 -8.10
C SER A 208 -22.16 19.46 -8.57
N PHE A 209 -21.81 19.57 -9.85
CA PHE A 209 -21.47 20.84 -10.46
C PHE A 209 -22.25 20.89 -11.75
N ASN A 210 -22.53 22.09 -12.24
CA ASN A 210 -23.31 22.24 -13.46
C ASN A 210 -22.57 22.55 -14.73
N ARG A 211 -21.38 23.12 -14.61
CA ARG A 211 -20.55 23.51 -15.76
C ARG A 211 -21.14 24.78 -16.39
N GLU B 1 25.04 2.87 11.84
CA GLU B 1 23.91 2.10 12.43
C GLU B 1 23.80 0.73 11.74
N VAL B 2 23.24 -0.25 12.46
CA VAL B 2 23.09 -1.62 11.95
C VAL B 2 21.81 -1.79 11.12
N GLN B 3 21.93 -1.62 9.80
CA GLN B 3 20.78 -1.74 8.92
C GLN B 3 21.08 -2.14 7.48
N LEU B 4 20.09 -2.73 6.81
CA LEU B 4 20.23 -3.18 5.43
C LEU B 4 19.55 -2.27 4.42
N GLN B 5 20.18 -2.11 3.26
CA GLN B 5 19.67 -1.27 2.19
C GLN B 5 19.61 -2.14 0.95
N GLN B 6 18.43 -2.27 0.36
CA GLN B 6 18.29 -3.07 -0.84
C GLN B 6 18.43 -2.18 -2.07
N SER B 7 18.61 -2.81 -3.22
CA SER B 7 18.77 -2.09 -4.48
C SER B 7 17.53 -1.29 -4.89
N GLY B 8 17.71 -0.48 -5.93
CA GLY B 8 16.61 0.31 -6.44
C GLY B 8 15.64 -0.58 -7.18
N ALA B 9 14.42 -0.09 -7.38
CA ALA B 9 13.39 -0.83 -8.08
C ALA B 9 13.79 -0.96 -9.53
N GLU B 10 13.41 -2.05 -10.17
CA GLU B 10 13.77 -2.27 -11.56
C GLU B 10 12.64 -2.78 -12.43
N LEU B 11 12.66 -2.35 -13.68
CA LEU B 11 11.67 -2.73 -14.67
C LEU B 11 12.34 -3.72 -15.63
N VAL B 12 11.85 -4.96 -15.67
CA VAL B 12 12.43 -5.98 -16.53
C VAL B 12 11.46 -6.67 -17.48
N LYS B 13 11.88 -6.86 -18.73
CA LYS B 13 11.06 -7.54 -19.72
C LYS B 13 10.95 -9.00 -19.28
N PRO B 14 9.92 -9.70 -19.72
CA PRO B 14 9.81 -11.10 -19.30
C PRO B 14 10.91 -11.96 -19.93
N GLY B 15 11.45 -12.87 -19.15
CA GLY B 15 12.49 -13.76 -19.63
C GLY B 15 13.87 -13.46 -19.08
N ALA B 16 14.16 -12.18 -18.86
CA ALA B 16 15.45 -11.75 -18.34
C ALA B 16 15.74 -12.18 -16.89
N SER B 17 16.87 -11.71 -16.36
CA SER B 17 17.27 -12.05 -14.99
C SER B 17 17.66 -10.80 -14.21
N VAL B 18 17.49 -10.83 -12.89
CA VAL B 18 17.86 -9.69 -12.07
C VAL B 18 18.71 -10.08 -10.88
N ARG B 19 19.70 -9.25 -10.59
CA ARG B 19 20.57 -9.50 -9.47
C ARG B 19 20.29 -8.38 -8.47
N LEU B 20 19.59 -8.73 -7.40
CA LEU B 20 19.24 -7.76 -6.37
C LEU B 20 20.34 -7.73 -5.32
N SER B 21 20.74 -6.53 -4.91
CA SER B 21 21.80 -6.35 -3.93
C SER B 21 21.36 -5.73 -2.60
N CYS B 22 21.36 -6.55 -1.56
CA CYS B 22 21.00 -6.13 -0.22
C CYS B 22 22.29 -5.85 0.55
N SER B 23 22.59 -4.59 0.80
CA SER B 23 23.79 -4.20 1.53
C SER B 23 23.54 -4.00 3.02
N ALA B 24 24.23 -4.75 3.86
CA ALA B 24 24.08 -4.60 5.30
C ALA B 24 25.13 -3.62 5.79
N SER B 25 24.78 -2.79 6.76
CA SER B 25 25.73 -1.81 7.30
C SER B 25 25.73 -1.89 8.80
N GLY B 26 26.90 -1.73 9.41
CA GLY B 26 27.00 -1.77 10.85
C GLY B 26 27.26 -3.12 11.47
N PHE B 27 27.40 -4.16 10.64
CA PHE B 27 27.68 -5.52 11.12
C PHE B 27 28.24 -6.36 9.98
N ASN B 28 28.55 -7.63 10.26
CA ASN B 28 29.10 -8.51 9.23
C ASN B 28 28.24 -9.73 8.95
N ILE B 29 27.90 -9.92 7.68
CA ILE B 29 27.07 -11.03 7.26
C ILE B 29 27.69 -12.42 7.45
N LYS B 30 29.02 -12.50 7.50
CA LYS B 30 29.70 -13.79 7.69
C LYS B 30 29.31 -14.46 9.00
N ASP B 31 28.57 -13.73 9.84
CA ASP B 31 28.15 -14.26 11.11
C ASP B 31 26.62 -14.21 11.26
N THR B 32 25.92 -14.03 10.15
CA THR B 32 24.46 -13.96 10.17
C THR B 32 23.85 -14.80 9.06
N TYR B 33 22.72 -15.42 9.36
CA TYR B 33 22.00 -16.22 8.39
C TYR B 33 21.03 -15.29 7.70
N MET B 34 21.19 -15.09 6.40
CA MET B 34 20.32 -14.20 5.67
C MET B 34 19.29 -14.99 4.89
N PHE B 35 18.17 -14.36 4.55
CA PHE B 35 17.12 -15.02 3.77
C PHE B 35 16.28 -13.98 3.07
N TRP B 36 15.49 -14.39 2.10
CA TRP B 36 14.67 -13.45 1.37
C TRP B 36 13.20 -13.85 1.36
N VAL B 37 12.33 -12.84 1.17
CA VAL B 37 10.89 -13.02 1.13
C VAL B 37 10.29 -12.40 -0.14
N LYS B 38 9.22 -13.00 -0.61
CA LYS B 38 8.53 -12.54 -1.80
C LYS B 38 7.14 -12.10 -1.36
N GLN B 39 6.59 -11.13 -2.07
CA GLN B 39 5.25 -10.64 -1.78
C GLN B 39 4.68 -10.09 -3.06
N ARG B 40 3.65 -10.76 -3.57
CA ARG B 40 2.96 -10.37 -4.79
C ARG B 40 2.01 -9.22 -4.46
N PRO B 41 1.66 -8.39 -5.46
CA PRO B 41 0.76 -7.27 -5.24
C PRO B 41 -0.50 -7.74 -4.53
N GLU B 42 -0.74 -7.17 -3.35
CA GLU B 42 -1.90 -7.49 -2.53
C GLU B 42 -1.87 -8.89 -1.88
N GLN B 43 -0.90 -9.72 -2.24
CA GLN B 43 -0.81 -11.07 -1.72
C GLN B 43 0.02 -11.30 -0.43
N GLY B 44 0.31 -12.57 -0.14
CA GLY B 44 1.05 -12.92 1.07
C GLY B 44 2.57 -13.01 1.00
N LEU B 45 3.17 -13.36 2.15
CA LEU B 45 4.62 -13.50 2.28
C LEU B 45 5.14 -14.89 1.95
N ASP B 46 5.96 -14.99 0.92
CA ASP B 46 6.54 -16.25 0.50
C ASP B 46 8.01 -16.31 0.92
N TRP B 47 8.43 -17.43 1.49
CA TRP B 47 9.82 -17.61 1.88
C TRP B 47 10.54 -18.11 0.63
N ILE B 48 11.60 -17.42 0.22
CA ILE B 48 12.31 -17.83 -0.98
C ILE B 48 13.46 -18.75 -0.67
N GLY B 49 14.23 -18.42 0.35
CA GLY B 49 15.37 -19.25 0.69
C GLY B 49 16.04 -18.85 1.98
N ARG B 50 17.31 -19.21 2.10
CA ARG B 50 18.10 -18.93 3.28
C ARG B 50 19.53 -19.14 2.85
N ILE B 51 20.45 -18.44 3.50
CA ILE B 51 21.85 -18.56 3.14
C ILE B 51 22.74 -18.20 4.31
N ASN B 52 23.92 -18.81 4.31
CA ASN B 52 24.93 -18.56 5.31
C ASN B 52 26.08 -18.07 4.42
N PRO B 53 26.35 -16.76 4.44
CA PRO B 53 27.40 -16.10 3.64
C PRO B 53 28.81 -16.70 3.75
N ALA B 54 29.19 -17.06 4.98
CA ALA B 54 30.50 -17.63 5.28
C ALA B 54 30.93 -18.74 4.29
N ASN B 55 30.16 -19.81 4.21
CA ASN B 55 30.49 -20.92 3.32
C ASN B 55 29.70 -20.84 2.02
N GLY B 56 28.48 -20.31 2.08
CA GLY B 56 27.67 -20.16 0.89
C GLY B 56 26.64 -21.25 0.62
N ILE B 57 26.31 -22.06 1.60
CA ILE B 57 25.30 -23.10 1.39
C ILE B 57 23.89 -22.56 1.60
N SER B 58 23.14 -22.46 0.51
CA SER B 58 21.78 -21.94 0.56
C SER B 58 20.71 -23.00 0.34
N LYS B 59 19.63 -22.88 1.11
CA LYS B 59 18.49 -23.79 1.05
C LYS B 59 17.34 -22.99 0.44
N TYR B 60 16.58 -23.61 -0.44
CA TYR B 60 15.45 -22.93 -1.10
C TYR B 60 14.14 -23.70 -1.01
N ASP B 61 13.05 -23.00 -1.25
CA ASP B 61 11.72 -23.62 -1.26
C ASP B 61 11.67 -24.17 -2.69
N PRO B 62 11.34 -25.47 -2.85
CA PRO B 62 11.27 -26.10 -4.17
C PRO B 62 10.65 -25.19 -5.23
N ARG B 63 9.60 -24.46 -4.85
CA ARG B 63 8.92 -23.57 -5.77
C ARG B 63 9.86 -22.61 -6.48
N PHE B 64 10.81 -22.04 -5.74
CA PHE B 64 11.75 -21.07 -6.30
C PHE B 64 13.11 -21.61 -6.74
N GLN B 65 13.37 -22.87 -6.41
CA GLN B 65 14.63 -23.53 -6.77
C GLN B 65 15.05 -23.24 -8.21
N GLY B 66 14.11 -23.37 -9.14
CA GLY B 66 14.43 -23.15 -10.54
C GLY B 66 14.69 -21.74 -11.02
N LYS B 67 14.54 -20.74 -10.15
CA LYS B 67 14.79 -19.36 -10.58
C LYS B 67 15.46 -18.46 -9.55
N ALA B 68 15.45 -18.87 -8.30
CA ALA B 68 16.04 -18.05 -7.26
C ALA B 68 17.42 -18.55 -6.91
N THR B 69 18.34 -17.63 -6.68
CA THR B 69 19.69 -18.01 -6.32
C THR B 69 20.28 -17.05 -5.30
N LEU B 70 20.34 -17.49 -4.06
CA LEU B 70 20.90 -16.68 -2.99
C LEU B 70 22.41 -16.82 -3.02
N THR B 71 23.10 -15.70 -3.17
CA THR B 71 24.56 -15.70 -3.22
C THR B 71 25.01 -14.55 -2.34
N ALA B 72 26.08 -14.76 -1.58
CA ALA B 72 26.57 -13.72 -0.67
C ALA B 72 28.09 -13.68 -0.60
N ASP B 73 28.65 -12.48 -0.68
CA ASP B 73 30.10 -12.32 -0.58
C ASP B 73 30.39 -11.51 0.68
N THR B 74 31.39 -11.94 1.44
CA THR B 74 31.74 -11.26 2.67
C THR B 74 32.57 -10.00 2.44
N SER B 75 33.31 -9.96 1.34
CA SER B 75 34.17 -8.82 1.01
C SER B 75 33.48 -7.47 1.17
N SER B 76 32.18 -7.42 0.92
CA SER B 76 31.45 -6.17 1.06
C SER B 76 30.09 -6.33 1.73
N ASN B 77 29.87 -7.51 2.32
CA ASN B 77 28.61 -7.80 3.01
C ASN B 77 27.34 -7.71 2.16
N THR B 78 27.50 -7.46 0.87
CA THR B 78 26.38 -7.33 -0.03
C THR B 78 25.79 -8.70 -0.37
N ALA B 79 24.57 -8.97 0.07
CA ALA B 79 23.90 -10.23 -0.22
C ALA B 79 23.18 -10.03 -1.54
N TYR B 80 23.13 -11.05 -2.37
CA TYR B 80 22.47 -10.95 -3.66
C TYR B 80 21.37 -11.98 -3.81
N LEU B 81 20.49 -11.74 -4.79
CA LEU B 81 19.38 -12.63 -5.12
C LEU B 81 19.25 -12.55 -6.64
N GLN B 82 19.54 -13.65 -7.32
CA GLN B 82 19.44 -13.65 -8.76
C GLN B 82 18.16 -14.33 -9.14
N LEU B 83 17.38 -13.67 -9.99
CA LEU B 83 16.11 -14.20 -10.45
C LEU B 83 16.17 -14.45 -11.94
N ASP B 84 16.15 -15.73 -12.30
CA ASP B 84 16.24 -16.16 -13.69
C ASP B 84 14.88 -16.38 -14.36
N ASN B 85 14.83 -16.12 -15.67
CA ASN B 85 13.64 -16.26 -16.50
C ASN B 85 12.43 -15.68 -15.81
N LEU B 86 12.38 -14.35 -15.78
CA LEU B 86 11.31 -13.63 -15.13
C LEU B 86 9.99 -13.59 -15.88
N THR B 87 8.93 -13.95 -15.17
CA THR B 87 7.58 -13.94 -15.69
C THR B 87 6.74 -13.00 -14.84
N SER B 88 5.55 -12.66 -15.33
CA SER B 88 4.65 -11.76 -14.62
C SER B 88 4.40 -12.25 -13.20
N GLU B 89 4.34 -13.57 -13.01
CA GLU B 89 4.10 -14.13 -11.69
C GLU B 89 5.23 -13.82 -10.71
N ASP B 90 6.22 -13.06 -11.18
CA ASP B 90 7.33 -12.68 -10.34
C ASP B 90 7.27 -11.22 -9.91
N THR B 91 6.52 -10.42 -10.65
CA THR B 91 6.35 -9.01 -10.35
C THR B 91 5.92 -8.95 -8.89
N ALA B 92 6.83 -8.54 -8.01
CA ALA B 92 6.54 -8.48 -6.60
C ALA B 92 7.60 -7.69 -5.82
N VAL B 93 7.36 -7.55 -4.52
CA VAL B 93 8.26 -6.84 -3.63
C VAL B 93 9.11 -7.87 -2.89
N TYR B 94 10.41 -7.89 -3.18
CA TYR B 94 11.33 -8.84 -2.54
C TYR B 94 12.04 -8.20 -1.36
N TYR B 95 12.01 -8.86 -0.21
CA TYR B 95 12.64 -8.33 0.99
C TYR B 95 13.91 -9.09 1.36
N CYS B 96 14.80 -8.39 2.03
CA CYS B 96 16.06 -8.96 2.50
C CYS B 96 15.92 -8.90 4.00
N ALA B 97 16.40 -9.92 4.69
CA ALA B 97 16.31 -9.94 6.14
C ALA B 97 17.40 -10.82 6.70
N ILE B 98 17.60 -10.73 8.01
CA ILE B 98 18.60 -11.54 8.70
C ILE B 98 17.84 -12.27 9.79
N GLU B 99 18.29 -13.48 10.11
CA GLU B 99 17.64 -14.29 11.12
C GLU B 99 17.89 -13.84 12.56
N LYS B 100 17.64 -12.56 12.82
CA LYS B 100 17.84 -12.00 14.15
C LYS B 100 16.81 -10.89 14.36
N ASP B 101 16.96 -10.13 15.44
CA ASP B 101 16.06 -9.04 15.80
C ASP B 101 16.32 -7.76 14.99
N LEU B 102 16.70 -7.90 13.73
CA LEU B 102 16.99 -6.71 12.93
C LEU B 102 16.06 -6.54 11.75
N PRO B 103 15.32 -5.42 11.73
CA PRO B 103 14.36 -5.04 10.70
C PRO B 103 14.83 -5.32 9.27
N TRP B 104 13.92 -5.87 8.48
CA TRP B 104 14.18 -6.23 7.09
C TRP B 104 14.56 -5.04 6.24
N GLY B 105 14.81 -5.31 4.96
CA GLY B 105 15.17 -4.25 4.05
C GLY B 105 13.91 -3.55 3.60
N GLN B 106 14.06 -2.40 2.98
CA GLN B 106 12.91 -1.65 2.49
C GLN B 106 12.20 -2.40 1.36
N GLY B 107 12.78 -3.50 0.92
CA GLY B 107 12.19 -4.26 -0.16
C GLY B 107 12.53 -3.63 -1.49
N THR B 108 12.76 -4.46 -2.49
CA THR B 108 13.08 -3.99 -3.83
C THR B 108 11.96 -4.46 -4.75
N LEU B 109 11.26 -3.52 -5.37
CA LEU B 109 10.19 -3.88 -6.27
C LEU B 109 10.71 -4.28 -7.63
N VAL B 110 10.36 -5.49 -8.05
CA VAL B 110 10.77 -5.96 -9.35
C VAL B 110 9.52 -6.02 -10.21
N THR B 111 9.36 -5.04 -11.09
CA THR B 111 8.20 -5.02 -11.97
C THR B 111 8.53 -5.65 -13.31
N VAL B 112 8.14 -6.92 -13.46
CA VAL B 112 8.35 -7.67 -14.70
C VAL B 112 7.25 -7.28 -15.69
N SER B 113 7.62 -6.64 -16.80
CA SER B 113 6.65 -6.20 -17.79
C SER B 113 7.29 -5.80 -19.12
N VAL B 114 6.45 -5.50 -20.10
CA VAL B 114 6.89 -5.10 -21.43
C VAL B 114 6.66 -3.59 -21.62
N ALA B 115 5.81 -3.01 -20.78
CA ALA B 115 5.46 -1.61 -20.87
C ALA B 115 6.64 -0.66 -20.71
N LYS B 116 6.84 0.20 -21.70
CA LYS B 116 7.93 1.18 -21.65
C LYS B 116 7.60 2.18 -20.55
N THR B 117 8.62 2.69 -19.89
CA THR B 117 8.46 3.66 -18.82
C THR B 117 7.87 4.96 -19.36
N THR B 118 6.87 5.48 -18.65
CA THR B 118 6.20 6.72 -19.02
C THR B 118 5.99 7.64 -17.80
N PRO B 119 6.24 8.95 -17.97
CA PRO B 119 6.09 9.96 -16.93
C PRO B 119 4.63 10.40 -16.71
N PRO B 120 4.22 10.57 -15.44
CA PRO B 120 2.86 10.97 -15.09
C PRO B 120 2.53 12.42 -15.38
N SER B 121 1.34 12.66 -15.89
CA SER B 121 0.90 14.02 -16.13
C SER B 121 0.10 14.31 -14.87
N VAL B 122 0.53 15.30 -14.10
CA VAL B 122 -0.20 15.64 -12.88
C VAL B 122 -1.16 16.77 -13.23
N TYR B 123 -2.40 16.61 -12.77
CA TYR B 123 -3.46 17.59 -13.00
C TYR B 123 -3.93 18.12 -11.65
N PRO B 124 -4.06 19.44 -11.51
CA PRO B 124 -4.50 20.03 -10.24
C PRO B 124 -6.00 19.97 -10.13
N LEU B 125 -6.49 19.53 -8.98
CA LEU B 125 -7.91 19.44 -8.75
C LEU B 125 -8.35 20.55 -7.80
N ALA B 126 -8.99 21.53 -8.40
CA ALA B 126 -9.51 22.70 -7.69
C ALA B 126 -11.00 22.69 -7.96
N PRO B 127 -11.81 23.11 -6.96
CA PRO B 127 -13.28 23.16 -7.04
C PRO B 127 -13.84 23.99 -8.20
N GLY B 128 -14.92 23.48 -8.79
CA GLY B 128 -15.57 24.13 -9.91
C GLY B 128 -16.47 25.31 -9.53
N SER B 129 -16.03 26.06 -8.52
CA SER B 129 -16.74 27.23 -8.00
C SER B 129 -17.98 26.89 -7.17
N ALA B 130 -17.75 26.61 -5.89
CA ALA B 130 -18.78 26.27 -4.91
C ALA B 130 -18.38 27.05 -3.67
N ALA B 131 -19.37 27.46 -2.86
CA ALA B 131 -19.10 28.21 -1.61
C ALA B 131 -18.05 27.45 -0.79
N GLN B 132 -16.79 27.71 -1.11
CA GLN B 132 -15.68 27.05 -0.45
C GLN B 132 -15.56 27.53 0.99
N THR B 133 -15.85 28.81 1.22
CA THR B 133 -15.78 29.34 2.57
C THR B 133 -16.75 28.53 3.44
N ASN B 134 -16.17 27.61 4.20
CA ASN B 134 -16.88 26.71 5.11
C ASN B 134 -15.80 25.95 5.90
N SER B 135 -15.30 26.58 6.94
CA SER B 135 -14.25 26.02 7.81
C SER B 135 -12.99 25.58 7.06
N MET B 136 -13.09 24.49 6.31
CA MET B 136 -11.96 23.96 5.55
C MET B 136 -12.39 23.52 4.15
N VAL B 137 -11.46 23.60 3.21
CA VAL B 137 -11.70 23.19 1.84
C VAL B 137 -10.92 21.93 1.54
N THR B 138 -11.18 21.34 0.37
CA THR B 138 -10.50 20.12 -0.01
C THR B 138 -10.14 20.19 -1.48
N LEU B 139 -8.84 20.23 -1.77
CA LEU B 139 -8.38 20.29 -3.15
C LEU B 139 -7.60 19.00 -3.40
N GLY B 140 -7.26 18.73 -4.66
CA GLY B 140 -6.53 17.51 -4.94
C GLY B 140 -5.60 17.53 -6.15
N CYS B 141 -4.90 16.43 -6.37
CA CYS B 141 -3.98 16.30 -7.48
C CYS B 141 -4.33 14.94 -8.06
N LEU B 142 -4.51 14.90 -9.37
CA LEU B 142 -4.84 13.67 -10.07
C LEU B 142 -3.70 13.38 -11.02
N VAL B 143 -2.87 12.40 -10.66
CA VAL B 143 -1.72 12.02 -11.46
C VAL B 143 -2.13 10.82 -12.28
N LYS B 144 -2.05 10.90 -13.60
CA LYS B 144 -2.46 9.76 -14.41
C LYS B 144 -1.65 9.52 -15.68
N GLY B 145 -1.77 8.30 -16.20
CA GLY B 145 -1.06 7.93 -17.42
C GLY B 145 0.43 7.69 -17.26
N TYR B 146 0.80 7.04 -16.17
CA TYR B 146 2.21 6.76 -15.91
C TYR B 146 2.49 5.30 -15.58
N PHE B 147 3.74 4.90 -15.80
CA PHE B 147 4.20 3.56 -15.54
C PHE B 147 5.72 3.67 -15.47
N PRO B 148 6.38 2.91 -14.57
CA PRO B 148 5.83 1.98 -13.59
C PRO B 148 5.82 2.53 -12.17
N GLU B 149 5.28 1.74 -11.25
CA GLU B 149 5.24 2.09 -9.84
C GLU B 149 6.70 2.21 -9.41
N PRO B 150 7.01 3.06 -8.41
CA PRO B 150 6.12 3.92 -7.66
C PRO B 150 6.28 5.37 -8.07
N VAL B 151 5.67 6.25 -7.29
CA VAL B 151 5.67 7.68 -7.53
C VAL B 151 5.62 8.32 -6.14
N THR B 152 5.78 9.62 -6.07
CA THR B 152 5.73 10.29 -4.78
C THR B 152 4.93 11.56 -4.86
N VAL B 153 3.81 11.61 -4.15
CA VAL B 153 2.99 12.82 -4.13
C VAL B 153 3.07 13.41 -2.74
N THR B 154 3.40 14.69 -2.69
CA THR B 154 3.53 15.39 -1.43
C THR B 154 2.90 16.78 -1.61
N TRP B 155 2.47 17.39 -0.51
CA TRP B 155 1.86 18.71 -0.59
C TRP B 155 2.74 19.77 0.04
N ASN B 156 3.07 20.77 -0.76
CA ASN B 156 3.92 21.88 -0.35
C ASN B 156 5.24 21.34 0.21
N SER B 157 5.83 20.40 -0.51
CA SER B 157 7.09 19.78 -0.12
C SER B 157 7.14 19.36 1.34
N GLY B 158 6.22 18.47 1.72
CA GLY B 158 6.19 17.95 3.08
C GLY B 158 5.56 18.86 4.13
N SER B 159 5.35 20.13 3.79
CA SER B 159 4.75 21.05 4.75
C SER B 159 3.36 20.54 5.10
N LEU B 160 2.58 20.23 4.08
CA LEU B 160 1.25 19.73 4.30
C LEU B 160 1.27 18.24 4.57
N SER B 161 1.10 17.89 5.84
CA SER B 161 1.08 16.49 6.27
C SER B 161 -0.36 16.08 6.62
N SER B 162 -0.95 16.76 7.60
CA SER B 162 -2.31 16.43 8.02
C SER B 162 -3.32 16.60 6.89
N GLY B 163 -4.32 15.72 6.88
CA GLY B 163 -5.36 15.80 5.89
C GLY B 163 -5.01 15.47 4.45
N VAL B 164 -3.89 14.80 4.23
CA VAL B 164 -3.52 14.43 2.88
C VAL B 164 -3.91 12.98 2.68
N HIS B 165 -4.50 12.67 1.53
CA HIS B 165 -4.91 11.32 1.23
C HIS B 165 -4.47 10.91 -0.17
N THR B 166 -3.60 9.91 -0.24
CA THR B 166 -3.12 9.43 -1.53
C THR B 166 -3.73 8.05 -1.73
N PHE B 167 -4.32 7.82 -2.90
CA PHE B 167 -4.98 6.55 -3.19
C PHE B 167 -4.09 5.63 -4.04
N PRO B 168 -4.01 4.35 -3.67
CA PRO B 168 -3.22 3.32 -4.35
C PRO B 168 -3.58 3.25 -5.82
N ALA B 169 -2.73 3.82 -6.67
CA ALA B 169 -2.97 3.84 -8.11
C ALA B 169 -3.58 2.59 -8.69
N VAL B 170 -4.32 2.74 -9.78
CA VAL B 170 -4.98 1.61 -10.43
C VAL B 170 -4.52 1.42 -11.88
N LEU B 171 -4.15 0.19 -12.22
CA LEU B 171 -3.68 -0.13 -13.56
C LEU B 171 -4.82 -0.03 -14.57
N GLN B 172 -4.49 0.21 -15.82
CA GLN B 172 -5.44 0.34 -16.91
C GLN B 172 -4.67 0.38 -18.20
N SER B 173 -4.93 -0.55 -19.10
CA SER B 173 -4.21 -0.59 -20.39
C SER B 173 -2.70 -0.37 -20.19
N ASP B 174 -2.20 -0.89 -19.07
CA ASP B 174 -0.81 -0.80 -18.67
C ASP B 174 -0.33 0.53 -18.11
N LEU B 175 -1.25 1.47 -17.91
CA LEU B 175 -0.90 2.76 -17.34
C LEU B 175 -1.61 2.89 -16.00
N TYR B 176 -1.07 3.72 -15.12
CA TYR B 176 -1.67 3.90 -13.80
C TYR B 176 -2.29 5.27 -13.64
N THR B 177 -3.08 5.40 -12.59
CA THR B 177 -3.76 6.64 -12.25
C THR B 177 -3.81 6.62 -10.73
N LEU B 178 -3.40 7.72 -10.12
CA LEU B 178 -3.36 7.88 -8.67
C LEU B 178 -3.83 9.31 -8.37
N SER B 179 -4.30 9.55 -7.14
CA SER B 179 -4.76 10.88 -6.77
C SER B 179 -4.55 11.17 -5.30
N SER B 180 -4.53 12.45 -4.95
CA SER B 180 -4.32 12.86 -3.58
C SER B 180 -5.14 14.09 -3.30
N SER B 181 -5.66 14.18 -2.09
CA SER B 181 -6.45 15.33 -1.68
C SER B 181 -5.83 15.97 -0.44
N VAL B 182 -6.24 17.19 -0.14
CA VAL B 182 -5.76 17.93 1.01
C VAL B 182 -6.89 18.83 1.52
N THR B 183 -7.09 18.80 2.82
CA THR B 183 -8.12 19.61 3.45
C THR B 183 -7.45 20.75 4.23
N VAL B 184 -7.41 21.93 3.61
CA VAL B 184 -6.81 23.11 4.23
C VAL B 184 -7.92 24.06 4.59
N PRO B 185 -7.80 24.75 5.74
CA PRO B 185 -8.82 25.71 6.17
C PRO B 185 -9.14 26.72 5.07
N SER B 186 -10.38 27.24 5.09
CA SER B 186 -10.83 28.21 4.10
C SER B 186 -9.89 29.40 4.09
N SER B 187 -9.16 29.57 5.18
CA SER B 187 -8.20 30.64 5.35
C SER B 187 -6.98 30.48 4.41
N THR B 188 -6.17 29.42 4.59
CA THR B 188 -5.00 29.24 3.71
C THR B 188 -5.32 29.19 2.22
N TRP B 189 -6.58 28.97 1.88
CA TRP B 189 -6.94 28.92 0.48
C TRP B 189 -8.00 29.95 0.10
N PRO B 190 -7.70 30.78 -0.90
CA PRO B 190 -6.45 30.77 -1.64
C PRO B 190 -5.54 31.95 -1.29
N SER B 191 -5.57 32.38 -0.04
CA SER B 191 -4.70 33.49 0.37
C SER B 191 -3.24 32.99 0.41
N GLU B 192 -3.06 31.74 0.84
CA GLU B 192 -1.74 31.12 0.90
C GLU B 192 -1.50 30.45 -0.44
N THR B 193 -0.47 29.61 -0.50
CA THR B 193 -0.16 28.90 -1.73
C THR B 193 -0.02 27.43 -1.40
N VAL B 194 -0.71 26.59 -2.17
CA VAL B 194 -0.69 25.16 -1.97
C VAL B 194 -0.60 24.47 -3.32
N THR B 195 0.41 23.62 -3.48
CA THR B 195 0.62 22.87 -4.71
C THR B 195 1.18 21.51 -4.38
N CYS B 196 0.79 20.51 -5.14
CA CYS B 196 1.30 19.17 -4.90
C CYS B 196 2.56 18.99 -5.74
N ASN B 197 3.45 18.12 -5.26
CA ASN B 197 4.72 17.83 -5.92
C ASN B 197 4.77 16.32 -6.10
N VAL B 198 4.79 15.87 -7.34
CA VAL B 198 4.85 14.44 -7.61
C VAL B 198 6.16 14.08 -8.29
N ALA B 199 6.85 13.07 -7.76
CA ALA B 199 8.12 12.64 -8.31
C ALA B 199 8.05 11.23 -8.88
N HIS B 200 8.55 11.05 -10.10
CA HIS B 200 8.56 9.73 -10.73
C HIS B 200 9.98 9.36 -11.13
N PRO B 201 10.72 8.73 -10.21
CA PRO B 201 12.10 8.30 -10.40
C PRO B 201 12.40 7.59 -11.73
N ALA B 202 11.59 6.59 -12.06
CA ALA B 202 11.79 5.82 -13.29
C ALA B 202 11.94 6.63 -14.57
N SER B 203 11.50 7.88 -14.56
CA SER B 203 11.61 8.73 -15.73
C SER B 203 12.40 9.99 -15.42
N SER B 204 12.96 10.02 -14.21
CA SER B 204 13.75 11.15 -13.72
C SER B 204 12.95 12.44 -13.73
N THR B 205 11.63 12.28 -13.81
CA THR B 205 10.72 13.41 -13.88
C THR B 205 10.13 13.74 -12.52
N LYS B 206 10.09 15.03 -12.23
CA LYS B 206 9.52 15.57 -10.99
C LYS B 206 8.65 16.68 -11.53
N VAL B 207 7.55 16.99 -10.85
CA VAL B 207 6.67 18.06 -11.34
C VAL B 207 5.86 18.78 -10.29
N ASP B 208 5.70 20.08 -10.51
CA ASP B 208 4.97 20.98 -9.63
C ASP B 208 3.86 21.69 -10.37
N LYS B 209 2.63 21.29 -10.12
CA LYS B 209 1.50 21.93 -10.77
C LYS B 209 0.76 22.68 -9.66
N LYS B 210 0.71 24.00 -9.82
CA LYS B 210 0.10 24.91 -8.86
C LYS B 210 -1.42 24.81 -8.77
N ILE B 211 -1.93 24.66 -7.55
CA ILE B 211 -3.36 24.58 -7.32
C ILE B 211 -3.92 26.00 -7.27
N VAL B 212 -4.42 26.47 -8.40
CA VAL B 212 -5.01 27.80 -8.49
C VAL B 212 -6.46 27.67 -8.94
N PRO B 213 -7.35 28.51 -8.38
CA PRO B 213 -8.79 28.53 -8.70
C PRO B 213 -9.05 28.60 -10.20
N ARG B 214 -10.25 28.23 -10.59
CA ARG B 214 -10.66 28.23 -11.99
C ARG B 214 -11.52 29.45 -12.28
#